data_8A33
#
_entry.id   8A33
#
_cell.length_a   54.329
_cell.length_b   54.329
_cell.length_c   220.555
_cell.angle_alpha   90.000
_cell.angle_beta   90.000
_cell.angle_gamma   120.000
#
_symmetry.space_group_name_H-M   'P 61 2 2'
#
loop_
_entity.id
_entity.type
_entity.pdbx_description
1 polymer 'Sensory box protein'
2 non-polymer 'Flavin mononucleotide (semi-quinone intermediate)'
#
_entity_poly.entity_id   1
_entity_poly.type   'polypeptide(L)'
_entity_poly.pdbx_seq_one_letter_code
;MGSSHHHHHHSSGLVPRGSHMINAQLLQSMVDASNDGIVVAEKEGDDTILIYVNAAFEYLTGYSRDEILYQDCRFLQGDD
RDQLGRARIRKAMAEGRPCREVLRNYRKDGSAFWNELSITPVKSDFDQRTYFIGIQEDVSRQVELERELAELRARPKPDE
RA
;
_entity_poly.pdbx_strand_id   A
#
loop_
_chem_comp.id
_chem_comp.type
_chem_comp.name
_chem_comp.formula
JGC non-polymer 'Flavin mononucleotide (semi-quinone intermediate)' 'C17 H23 N4 O9 P'
#
# COMPACT_ATOMS: atom_id res chain seq x y z
N MET A 21 25.46 -5.51 12.12
CA MET A 21 24.09 -5.35 11.64
C MET A 21 23.22 -4.71 12.71
N ILE A 22 21.95 -5.11 12.73
CA ILE A 22 20.98 -4.65 13.73
C ILE A 22 20.11 -5.84 14.11
N ASN A 23 19.72 -5.89 15.38
CA ASN A 23 18.80 -6.92 15.84
C ASN A 23 17.48 -6.81 15.09
N ALA A 24 17.09 -7.89 14.42
CA ALA A 24 15.84 -7.87 13.65
C ALA A 24 14.63 -7.56 14.52
N GLN A 25 14.66 -7.98 15.79
CA GLN A 25 13.58 -7.64 16.71
C GLN A 25 13.50 -6.13 16.91
N LEU A 26 14.65 -5.46 17.00
CA LEU A 26 14.63 -4.00 17.10
C LEU A 26 14.11 -3.36 15.83
N LEU A 27 14.56 -3.85 14.67
CA LEU A 27 14.07 -3.33 13.40
C LEU A 27 12.56 -3.52 13.28
N GLN A 28 12.05 -4.67 13.73
CA GLN A 28 10.61 -4.89 13.70
C GLN A 28 9.88 -3.91 14.62
N SER A 29 10.45 -3.63 15.79
CA SER A 29 9.85 -2.66 16.70
C SER A 29 9.83 -1.26 16.07
N MET A 30 10.91 -0.90 15.36
CA MET A 30 10.95 0.40 14.70
C MET A 30 9.91 0.49 13.59
N VAL A 31 9.72 -0.60 12.83
CA VAL A 31 8.75 -0.59 11.75
C VAL A 31 7.32 -0.51 12.28
N ASP A 32 7.02 -1.27 13.33
CA ASP A 32 5.69 -1.22 13.93
C ASP A 32 5.32 0.18 14.40
N ALA A 33 6.32 0.98 14.78
CA ALA A 33 6.09 2.29 15.37
C ALA A 33 6.21 3.44 14.38
N SER A 34 6.64 3.19 13.15
CA SER A 34 6.79 4.27 12.18
C SER A 34 5.46 4.94 11.89
N ASN A 35 5.47 6.26 11.80
CA ASN A 35 4.26 6.99 11.45
C ASN A 35 3.89 6.80 9.99
N ASP A 36 4.83 6.33 9.17
CA ASP A 36 4.52 5.93 7.80
C ASP A 36 3.91 4.53 7.80
N GLY A 37 2.90 4.34 6.96
CA GLY A 37 2.25 3.05 6.87
C GLY A 37 3.07 2.03 6.12
N ILE A 38 3.47 0.95 6.78
CA ILE A 38 4.31 -0.10 6.20
C ILE A 38 3.54 -1.41 6.22
N VAL A 39 3.45 -2.07 5.06
CA VAL A 39 2.72 -3.32 4.91
C VAL A 39 3.57 -4.29 4.11
N VAL A 40 3.41 -5.59 4.42
CA VAL A 40 4.07 -6.67 3.69
C VAL A 40 2.99 -7.63 3.21
N ALA A 41 3.19 -8.19 2.01
CA ALA A 41 2.18 -9.04 1.41
C ALA A 41 2.85 -10.16 0.63
N GLU A 42 2.13 -11.28 0.49
CA GLU A 42 2.59 -12.44 -0.26
C GLU A 42 1.69 -12.65 -1.47
N LYS A 43 2.28 -13.16 -2.55
CA LYS A 43 1.57 -13.33 -3.81
C LYS A 43 0.87 -14.68 -3.84
N GLU A 44 -0.39 -14.68 -4.30
CA GLU A 44 -1.16 -15.90 -4.54
C GLU A 44 -1.80 -15.76 -5.92
N GLY A 45 -1.00 -15.94 -6.95
CA GLY A 45 -1.51 -15.78 -8.31
C GLY A 45 -1.80 -14.32 -8.60
N ASP A 46 -3.01 -14.07 -9.11
CA ASP A 46 -3.41 -12.70 -9.43
C ASP A 46 -3.52 -11.84 -8.18
N ASP A 47 -3.84 -12.44 -7.04
CA ASP A 47 -4.05 -11.70 -5.80
C ASP A 47 -2.79 -11.66 -4.96
N THR A 48 -2.67 -10.61 -4.16
CA THR A 48 -1.55 -10.41 -3.25
C THR A 48 -2.10 -10.25 -1.84
N ILE A 49 -1.75 -11.18 -0.95
CA ILE A 49 -2.38 -11.31 0.36
C ILE A 49 -1.48 -10.67 1.41
N LEU A 50 -2.07 -9.80 2.22
CA LEU A 50 -1.32 -9.10 3.25
C LEU A 50 -0.94 -10.05 4.39
N ILE A 51 0.27 -9.88 4.90
CA ILE A 51 0.73 -10.65 6.05
C ILE A 51 1.16 -9.77 7.23
N TYR A 52 1.46 -8.49 7.00
CA TYR A 52 1.85 -7.59 8.08
C TYR A 52 1.34 -6.20 7.79
N VAL A 53 0.82 -5.54 8.83
CA VAL A 53 0.46 -4.13 8.80
C VAL A 53 0.94 -3.50 10.11
N ASN A 54 1.15 -2.19 10.07
CA ASN A 54 1.58 -1.44 11.24
C ASN A 54 0.45 -0.52 11.71
N ALA A 55 0.64 0.05 12.91
CA ALA A 55 -0.39 0.90 13.49
C ALA A 55 -0.66 2.14 12.64
N ALA A 56 0.37 2.64 11.93
CA ALA A 56 0.16 3.78 11.05
C ALA A 56 -0.80 3.43 9.92
N PHE A 57 -0.68 2.22 9.36
CA PHE A 57 -1.60 1.79 8.32
C PHE A 57 -3.03 1.66 8.85
N GLU A 58 -3.18 1.19 10.09
CA GLU A 58 -4.50 1.13 10.71
C GLU A 58 -5.12 2.51 10.82
N TYR A 59 -4.33 3.51 11.23
CA TYR A 59 -4.85 4.86 11.34
C TYR A 59 -5.24 5.42 9.97
N LEU A 60 -4.40 5.18 8.95
CA LEU A 60 -4.70 5.69 7.62
C LEU A 60 -5.95 5.05 7.05
N THR A 61 -6.13 3.75 7.27
CA THR A 61 -7.29 3.05 6.74
C THR A 61 -8.53 3.16 7.62
N GLY A 62 -8.35 3.33 8.93
CA GLY A 62 -9.41 3.24 9.92
C GLY A 62 -9.82 1.83 10.29
N TYR A 63 -9.63 0.86 9.39
CA TYR A 63 -9.91 -0.53 9.70
C TYR A 63 -8.88 -1.07 10.71
N SER A 64 -9.25 -2.17 11.36
CA SER A 64 -8.43 -2.77 12.41
C SER A 64 -7.46 -3.80 11.81
N ARG A 65 -6.49 -4.22 12.62
CA ARG A 65 -5.46 -5.15 12.14
C ARG A 65 -6.07 -6.48 11.72
N ASP A 66 -6.92 -7.05 12.56
CA ASP A 66 -7.58 -8.31 12.21
C ASP A 66 -8.48 -8.15 10.99
N GLU A 67 -9.10 -6.98 10.84
CA GLU A 67 -9.96 -6.74 9.68
C GLU A 67 -9.15 -6.64 8.39
N ILE A 68 -7.97 -6.02 8.46
CA ILE A 68 -7.19 -5.77 7.25
C ILE A 68 -6.39 -7.00 6.85
N LEU A 69 -5.80 -7.70 7.82
CA LEU A 69 -4.81 -8.73 7.51
C LEU A 69 -5.43 -9.91 6.75
N TYR A 70 -4.57 -10.59 5.99
CA TYR A 70 -4.90 -11.85 5.31
C TYR A 70 -5.96 -11.63 4.23
N GLN A 71 -5.76 -10.59 3.43
CA GLN A 71 -6.57 -10.32 2.25
C GLN A 71 -5.81 -9.33 1.38
N ASP A 72 -6.25 -9.21 0.14
CA ASP A 72 -5.72 -8.19 -0.75
C ASP A 72 -6.33 -6.84 -0.38
N CYS A 73 -5.49 -5.81 -0.31
CA CYS A 73 -5.95 -4.49 0.08
C CYS A 73 -6.61 -3.73 -1.06
N ARG A 74 -7.04 -4.42 -2.12
CA ARG A 74 -7.90 -3.81 -3.12
C ARG A 74 -9.24 -3.40 -2.52
N PHE A 75 -9.58 -3.92 -1.33
CA PHE A 75 -10.82 -3.54 -0.68
C PHE A 75 -10.86 -2.05 -0.37
N LEU A 76 -9.69 -1.42 -0.21
CA LEU A 76 -9.65 0.02 0.00
C LEU A 76 -10.15 0.80 -1.20
N GLN A 77 -10.22 0.17 -2.38
CA GLN A 77 -10.72 0.84 -3.57
C GLN A 77 -12.24 0.86 -3.61
N GLY A 78 -12.88 -0.24 -3.20
CA GLY A 78 -14.33 -0.26 -3.16
C GLY A 78 -14.94 -0.22 -4.54
N ASP A 79 -16.05 0.52 -4.65
CA ASP A 79 -16.72 0.65 -5.94
C ASP A 79 -15.88 1.44 -6.94
N ASP A 80 -15.01 2.32 -6.46
CA ASP A 80 -14.16 3.13 -7.32
C ASP A 80 -12.95 2.29 -7.75
N ARG A 81 -13.22 1.36 -8.67
CA ARG A 81 -12.21 0.43 -9.14
C ARG A 81 -11.79 0.70 -10.59
N ASP A 82 -12.33 1.73 -11.22
CA ASP A 82 -11.87 2.15 -12.55
C ASP A 82 -10.79 3.22 -12.38
N GLN A 83 -9.63 2.76 -11.93
CA GLN A 83 -8.49 3.63 -11.64
C GLN A 83 -7.28 3.14 -12.39
N LEU A 84 -6.59 4.05 -13.08
CA LEU A 84 -5.39 3.71 -13.85
C LEU A 84 -4.25 3.21 -12.98
N GLY A 85 -4.19 3.60 -11.71
CA GLY A 85 -3.11 3.13 -10.86
C GLY A 85 -3.11 1.63 -10.67
N ARG A 86 -4.30 1.02 -10.64
CA ARG A 86 -4.41 -0.43 -10.57
C ARG A 86 -3.55 -1.11 -11.64
N ALA A 87 -3.77 -0.71 -12.90
CA ALA A 87 -3.12 -1.40 -14.01
C ALA A 87 -1.61 -1.24 -13.98
N ARG A 88 -1.11 -0.03 -13.72
CA ARG A 88 0.32 0.17 -13.64
C ARG A 88 0.94 -0.57 -12.46
N ILE A 89 0.21 -0.71 -11.35
CA ILE A 89 0.67 -1.54 -10.24
C ILE A 89 0.73 -3.00 -10.67
N ARG A 90 -0.35 -3.50 -11.27
CA ARG A 90 -0.38 -4.88 -11.74
C ARG A 90 0.72 -5.16 -12.75
N LYS A 91 0.93 -4.25 -13.70
CA LYS A 91 1.99 -4.42 -14.68
C LYS A 91 3.36 -4.45 -14.02
N ALA A 92 3.61 -3.55 -13.07
CA ALA A 92 4.91 -3.50 -12.41
C ALA A 92 5.16 -4.75 -11.57
N MET A 93 4.14 -5.21 -10.82
CA MET A 93 4.30 -6.41 -10.02
C MET A 93 4.61 -7.62 -10.90
N ALA A 94 3.96 -7.71 -12.06
CA ALA A 94 4.24 -8.82 -12.97
C ALA A 94 5.64 -8.71 -13.56
N GLU A 95 6.11 -7.48 -13.84
CA GLU A 95 7.43 -7.28 -14.41
C GLU A 95 8.55 -7.33 -13.37
N GLY A 96 8.22 -7.56 -12.10
CA GLY A 96 9.23 -7.64 -11.07
C GLY A 96 9.94 -6.33 -10.77
N ARG A 97 9.31 -5.20 -11.07
CA ARG A 97 9.89 -3.89 -10.85
C ARG A 97 9.11 -3.11 -9.80
N PRO A 98 9.76 -2.25 -9.04
CA PRO A 98 9.04 -1.41 -8.08
C PRO A 98 8.13 -0.41 -8.79
N CYS A 99 7.17 0.11 -8.04
CA CYS A 99 6.23 1.08 -8.58
C CYS A 99 5.85 2.08 -7.49
N ARG A 100 5.37 3.24 -7.94
CA ARG A 100 4.90 4.30 -7.04
C ARG A 100 3.71 4.97 -7.73
N GLU A 101 2.50 4.62 -7.31
CA GLU A 101 1.28 5.12 -7.90
C GLU A 101 0.34 5.62 -6.82
N VAL A 102 -0.51 6.58 -7.18
CA VAL A 102 -1.47 7.19 -6.28
C VAL A 102 -2.86 6.70 -6.66
N LEU A 103 -3.59 6.19 -5.67
CA LEU A 103 -4.95 5.72 -5.87
C LEU A 103 -5.88 6.37 -4.85
N ARG A 104 -7.15 6.47 -5.21
CA ARG A 104 -8.18 7.01 -4.33
C ARG A 104 -8.76 5.86 -3.53
N ASN A 105 -8.56 5.88 -2.21
CA ASN A 105 -9.05 4.84 -1.33
C ASN A 105 -10.04 5.43 -0.33
N TYR A 106 -10.79 4.54 0.31
CA TYR A 106 -11.88 4.93 1.20
C TYR A 106 -11.70 4.24 2.54
N ARG A 107 -11.82 5.01 3.63
CA ARG A 107 -11.66 4.47 4.97
C ARG A 107 -12.90 3.71 5.41
N LYS A 108 -12.86 3.20 6.64
CA LYS A 108 -14.00 2.48 7.18
C LYS A 108 -15.21 3.38 7.35
N ASP A 109 -14.98 4.64 7.76
CA ASP A 109 -16.06 5.61 7.88
C ASP A 109 -16.56 6.10 6.52
N GLY A 110 -15.91 5.71 5.43
CA GLY A 110 -16.28 6.19 4.12
C GLY A 110 -15.48 7.38 3.62
N SER A 111 -14.59 7.93 4.44
CA SER A 111 -13.79 9.07 4.01
C SER A 111 -12.88 8.69 2.86
N ALA A 112 -12.80 9.57 1.87
CA ALA A 112 -12.00 9.33 0.67
C ALA A 112 -10.68 10.07 0.78
N PHE A 113 -9.58 9.38 0.49
CA PHE A 113 -8.25 9.96 0.56
C PHE A 113 -7.42 9.47 -0.61
N TRP A 114 -6.44 10.28 -0.99
CA TRP A 114 -5.49 9.94 -2.05
C TRP A 114 -4.27 9.29 -1.41
N ASN A 115 -4.04 8.02 -1.72
CA ASN A 115 -2.98 7.23 -1.11
C ASN A 115 -1.90 6.94 -2.13
N GLU A 116 -0.66 7.31 -1.79
CA GLU A 116 0.50 7.01 -2.62
C GLU A 116 1.10 5.68 -2.16
N LEU A 117 1.14 4.71 -3.08
CA LEU A 117 1.61 3.37 -2.78
C LEU A 117 3.00 3.18 -3.38
N SER A 118 3.98 2.89 -2.54
CA SER A 118 5.34 2.56 -2.99
C SER A 118 5.52 1.06 -2.76
N ILE A 119 5.25 0.27 -3.81
CA ILE A 119 5.29 -1.17 -3.75
C ILE A 119 6.60 -1.66 -4.34
N THR A 120 7.33 -2.49 -3.60
CA THR A 120 8.60 -3.02 -4.04
C THR A 120 8.56 -4.54 -4.01
N PRO A 121 8.73 -5.22 -5.13
CA PRO A 121 8.67 -6.69 -5.14
C PRO A 121 9.97 -7.31 -4.65
N VAL A 122 9.85 -8.32 -3.79
CA VAL A 122 10.99 -9.03 -3.24
C VAL A 122 10.76 -10.52 -3.41
N LYS A 123 11.81 -11.23 -3.83
CA LYS A 123 11.76 -12.67 -4.05
C LYS A 123 12.64 -13.35 -3.01
N SER A 124 12.04 -14.22 -2.20
CA SER A 124 12.79 -15.05 -1.27
C SER A 124 13.30 -16.28 -2.03
N ASP A 125 14.62 -16.34 -2.22
CA ASP A 125 15.21 -17.47 -2.95
C ASP A 125 14.95 -18.78 -2.21
N PHE A 126 15.05 -18.76 -0.88
CA PHE A 126 14.80 -19.96 -0.09
C PHE A 126 13.35 -20.43 -0.24
N ASP A 127 12.39 -19.51 -0.10
CA ASP A 127 10.99 -19.87 -0.24
C ASP A 127 10.57 -20.08 -1.69
N GLN A 128 11.20 -19.36 -2.62
CA GLN A 128 10.85 -19.35 -4.04
C GLN A 128 9.44 -18.84 -4.29
N ARG A 129 8.86 -18.15 -3.33
CA ARG A 129 7.65 -17.37 -3.53
C ARG A 129 7.99 -15.88 -3.38
N THR A 130 7.06 -15.03 -3.77
CA THR A 130 7.31 -13.61 -3.90
C THR A 130 6.54 -12.83 -2.84
N TYR A 131 7.23 -11.89 -2.19
CA TYR A 131 6.62 -10.98 -1.24
C TYR A 131 6.73 -9.55 -1.75
N PHE A 132 5.89 -8.67 -1.20
CA PHE A 132 5.85 -7.27 -1.58
C PHE A 132 5.80 -6.40 -0.33
N ILE A 133 6.55 -5.30 -0.34
CA ILE A 133 6.55 -4.33 0.75
C ILE A 133 6.02 -3.02 0.21
N GLY A 134 5.10 -2.41 0.95
CA GLY A 134 4.48 -1.16 0.54
C GLY A 134 4.51 -0.13 1.64
N ILE A 135 4.86 1.10 1.27
CA ILE A 135 4.88 2.24 2.18
C ILE A 135 3.88 3.26 1.66
N GLN A 136 2.96 3.68 2.52
CA GLN A 136 1.82 4.50 2.12
C GLN A 136 1.87 5.86 2.81
N GLU A 137 1.14 6.81 2.22
CA GLU A 137 1.11 8.18 2.69
C GLU A 137 -0.11 8.87 2.09
N ASP A 138 -0.83 9.64 2.91
CA ASP A 138 -1.99 10.40 2.45
C ASP A 138 -1.48 11.68 1.80
N VAL A 139 -1.43 11.68 0.47
CA VAL A 139 -0.91 12.82 -0.29
C VAL A 139 -2.06 13.63 -0.88
N SER A 140 -3.21 13.65 -0.19
CA SER A 140 -4.37 14.38 -0.69
C SER A 140 -4.05 15.86 -0.90
N ARG A 141 -3.23 16.43 -0.02
CA ARG A 141 -2.84 17.84 -0.18
C ARG A 141 -2.07 18.05 -1.47
N GLN A 142 -1.08 17.19 -1.74
CA GLN A 142 -0.28 17.34 -2.96
C GLN A 142 -1.15 17.20 -4.20
N VAL A 143 -2.11 16.28 -4.19
CA VAL A 143 -2.99 16.11 -5.34
C VAL A 143 -3.81 17.36 -5.59
N GLU A 144 -4.32 17.97 -4.52
CA GLU A 144 -5.13 19.17 -4.66
C GLU A 144 -4.31 20.34 -5.20
N LEU A 145 -3.06 20.48 -4.72
CA LEU A 145 -2.22 21.57 -5.18
C LEU A 145 -1.83 21.38 -6.65
N GLU A 146 -1.55 20.15 -7.07
CA GLU A 146 -1.21 19.89 -8.46
C GLU A 146 -2.41 20.07 -9.37
N ARG A 147 -3.62 19.75 -8.87
CA ARG A 147 -4.84 20.08 -9.60
C ARG A 147 -4.99 21.58 -9.76
N GLU A 148 -4.66 22.34 -8.72
CA GLU A 148 -4.71 23.80 -8.82
C GLU A 148 -3.68 24.32 -9.81
N LEU A 149 -2.50 23.71 -9.85
CA LEU A 149 -1.51 24.09 -10.85
C LEU A 149 -2.01 23.80 -12.26
N ALA A 150 -2.74 22.70 -12.43
CA ALA A 150 -3.23 22.32 -13.75
C ALA A 150 -4.28 23.31 -14.25
N GLU A 151 -5.19 23.75 -13.38
CA GLU A 151 -6.21 24.69 -13.82
C GLU A 151 -5.62 26.08 -14.06
N LEU A 152 -4.50 26.40 -13.41
CA LEU A 152 -3.80 27.63 -13.72
C LEU A 152 -3.12 27.55 -15.08
N ARG A 153 -2.55 26.38 -15.40
CA ARG A 153 -1.89 26.19 -16.69
C ARG A 153 -2.91 25.95 -17.79
N1 JGC B . -4.20 -0.83 -3.25
C2 JGC B . -4.97 0.11 -2.61
O2 JGC B . -6.03 0.53 -3.06
N3 JGC B . -4.52 0.62 -1.36
C4 JGC B . -3.44 0.17 -0.66
O4 JGC B . -2.98 0.74 0.31
C4A JGC B . -2.83 -1.12 -1.18
N5 JGC B . -1.43 -1.05 -1.06
C5A JGC B . -0.70 -2.15 -1.55
C6 JGC B . 0.46 -2.62 -0.94
C7 JGC B . 1.15 -3.71 -1.46
C7M JGC B . 2.40 -4.20 -0.77
C8 JGC B . 0.66 -4.36 -2.61
C8M JGC B . 1.37 -5.55 -3.20
C9 JGC B . -0.51 -3.88 -3.22
C9A JGC B . -1.19 -2.78 -2.69
N10 JGC B . -2.39 -2.27 -3.29
C10 JGC B . -3.21 -1.42 -2.62
C1' JGC B . -2.77 -2.67 -4.65
C2' JGC B . -3.83 -3.77 -4.74
O2' JGC B . -3.61 -4.68 -3.65
C3' JGC B . -3.73 -4.54 -6.07
O3' JGC B . -2.50 -5.29 -6.06
C4' JGC B . -3.71 -3.66 -7.32
O4' JGC B . -4.99 -3.04 -7.52
C5' JGC B . -3.34 -4.48 -8.58
O5' JGC B . -4.01 -5.70 -8.69
P JGC B . -5.65 -5.73 -9.28
O1P JGC B . -6.51 -5.24 -8.11
O2P JGC B . -5.79 -7.22 -9.56
O3P JGC B . -5.60 -4.83 -10.52
#